data_7WZF
#
_entry.id   7WZF
#
_cell.length_a   107.741
_cell.length_b   107.741
_cell.length_c   109.163
_cell.angle_alpha   90.000
_cell.angle_beta   90.000
_cell.angle_gamma   120.000
#
_symmetry.space_group_name_H-M   'P 63 2 2'
#
loop_
_entity.id
_entity.type
_entity.pdbx_description
1 polymer YunM
2 non-polymer S-ADENOSYL-L-HOMOCYSTEINE
3 water water
#
_entity_poly.entity_id   1
_entity_poly.type   'polypeptide(L)'
_entity_poly.pdbx_seq_one_letter_code
;MGSSHHHHHHSSGLVPRGSHMTNGVEDIGYGRQFAGWYDRLIPDDEVTAEAVKGLLALHPAPEAGTIELGVGTGRIAVPL
SESVGRVTGVDSSPEMLDAMRVKLKERGDVTPVHGDIRSYTSDSRYGLVYCVCATLSLLHTPEDQQLAVRRAADLLAPGG
RLVIETHNKPPILELHEGRKRTTYFVPYPEPGTGVQTHSTLLDGDLWHCSHILYQANGTTRVGSELTRLTTPEEIDAYAR
AAGLEPETHLSRWDGTPYNEQSPMFVCCYVKS
;
_entity_poly.pdbx_strand_id   A
#
# COMPACT_ATOMS: atom_id res chain seq x y z
N ILE A 28 -9.64 9.13 6.63
CA ILE A 28 -9.52 8.38 7.87
C ILE A 28 -8.51 8.95 8.84
N GLY A 29 -7.69 9.89 8.37
CA GLY A 29 -6.71 10.52 9.22
C GLY A 29 -5.37 9.84 9.27
N TYR A 30 -5.11 8.86 8.40
CA TYR A 30 -3.79 8.24 8.36
C TYR A 30 -2.71 9.28 8.05
N GLY A 31 -2.99 10.20 7.12
CA GLY A 31 -2.04 11.28 6.85
C GLY A 31 -1.86 12.21 8.03
N ARG A 32 -2.94 12.50 8.76
CA ARG A 32 -2.79 13.32 9.96
C ARG A 32 -1.96 12.60 11.02
N GLN A 33 -1.95 11.26 10.99
CA GLN A 33 -1.15 10.51 11.95
C GLN A 33 0.32 10.47 11.54
N PHE A 34 0.61 10.41 10.22
CA PHE A 34 1.93 10.00 9.74
C PHE A 34 2.58 10.89 8.69
N ALA A 35 1.83 11.80 8.04
CA ALA A 35 2.36 12.44 6.84
C ALA A 35 3.68 13.17 7.10
N GLY A 36 3.82 13.80 8.27
CA GLY A 36 5.01 14.59 8.55
C GLY A 36 6.28 13.76 8.72
N TRP A 37 6.14 12.45 8.95
CA TRP A 37 7.28 11.59 9.19
C TRP A 37 7.14 10.25 8.46
N TYR A 38 6.19 10.13 7.54
CA TYR A 38 5.98 8.86 6.83
C TYR A 38 7.24 8.41 6.11
N ASP A 39 7.94 9.34 5.47
CA ASP A 39 9.13 8.95 4.71
C ASP A 39 10.29 8.54 5.61
N ARG A 40 10.22 8.83 6.91
CA ARG A 40 11.19 8.29 7.85
C ARG A 40 10.83 6.86 8.27
N LEU A 41 9.53 6.54 8.32
CA LEU A 41 9.11 5.17 8.63
C LEU A 41 9.35 4.23 7.46
N ILE A 42 8.88 4.61 6.28
CA ILE A 42 9.03 3.80 5.09
C ILE A 42 9.91 4.59 4.13
N PRO A 43 11.22 4.48 4.24
CA PRO A 43 12.12 5.36 3.49
C PRO A 43 12.32 4.88 2.06
N ASP A 44 13.03 5.71 1.28
CA ASP A 44 13.30 5.44 -0.13
C ASP A 44 14.56 4.56 -0.22
N ASP A 45 14.37 3.27 0.08
CA ASP A 45 15.49 2.34 0.14
C ASP A 45 15.34 1.17 -0.83
N GLU A 46 16.02 0.06 -0.55
CA GLU A 46 16.00 -1.07 -1.48
C GLU A 46 14.64 -1.75 -1.52
N VAL A 47 13.88 -1.70 -0.43
CA VAL A 47 12.53 -2.26 -0.46
C VAL A 47 11.66 -1.47 -1.43
N THR A 48 11.81 -0.14 -1.43
CA THR A 48 11.10 0.68 -2.41
C THR A 48 11.54 0.34 -3.83
N ALA A 49 12.85 0.21 -4.04
CA ALA A 49 13.34 -0.09 -5.38
C ALA A 49 12.82 -1.43 -5.88
N GLU A 50 12.70 -2.42 -4.99
CA GLU A 50 12.18 -3.72 -5.40
C GLU A 50 10.74 -3.61 -5.88
N ALA A 51 9.94 -2.79 -5.20
CA ALA A 51 8.53 -2.63 -5.58
C ALA A 51 8.42 -1.91 -6.92
N VAL A 52 9.24 -0.88 -7.12
CA VAL A 52 9.23 -0.17 -8.40
C VAL A 52 9.58 -1.10 -9.53
N LYS A 53 10.64 -1.90 -9.34
CA LYS A 53 11.05 -2.85 -10.36
C LYS A 53 9.95 -3.87 -10.65
N GLY A 54 9.30 -4.37 -9.61
CA GLY A 54 8.25 -5.36 -9.82
C GLY A 54 7.04 -4.79 -10.54
N LEU A 55 6.62 -3.59 -10.14
CA LEU A 55 5.47 -2.96 -10.78
C LEU A 55 5.78 -2.63 -12.24
N LEU A 56 7.01 -2.17 -12.51
CA LEU A 56 7.40 -1.91 -13.89
C LEU A 56 7.32 -3.19 -14.72
N ALA A 57 7.83 -4.30 -14.18
CA ALA A 57 7.75 -5.58 -14.89
C ALA A 57 6.32 -6.04 -15.08
N LEU A 58 5.41 -5.66 -14.18
CA LEU A 58 4.01 -6.07 -14.24
C LEU A 58 3.16 -5.12 -15.10
N HIS A 59 3.74 -4.06 -15.62
CA HIS A 59 2.96 -3.11 -16.41
C HIS A 59 2.76 -3.66 -17.82
N PRO A 60 1.53 -3.95 -18.23
CA PRO A 60 1.34 -4.50 -19.59
C PRO A 60 1.70 -3.53 -20.70
N ALA A 61 1.58 -2.23 -20.48
CA ALA A 61 1.76 -1.26 -21.57
C ALA A 61 1.79 0.16 -21.03
N PRO A 62 2.98 0.71 -20.75
CA PRO A 62 3.07 2.06 -20.19
C PRO A 62 2.33 3.12 -20.99
N GLU A 63 2.22 2.97 -22.32
CA GLU A 63 1.50 3.96 -23.11
C GLU A 63 0.03 4.04 -22.74
N ALA A 64 -0.52 2.99 -22.13
CA ALA A 64 -1.91 2.95 -21.69
C ALA A 64 -2.12 3.60 -20.33
N GLY A 65 -1.07 4.10 -19.70
CA GLY A 65 -1.23 4.86 -18.49
C GLY A 65 -1.17 4.02 -17.22
N THR A 66 -1.01 4.73 -16.12
CA THR A 66 -0.78 4.14 -14.81
C THR A 66 -1.52 4.97 -13.78
N ILE A 67 -2.25 4.29 -12.89
CA ILE A 67 -2.89 4.97 -11.76
C ILE A 67 -2.57 4.21 -10.48
N GLU A 68 -2.17 4.95 -9.45
CA GLU A 68 -1.93 4.42 -8.11
C GLU A 68 -3.08 4.83 -7.19
N LEU A 69 -3.65 3.86 -6.51
CA LEU A 69 -4.72 4.08 -5.54
C LEU A 69 -4.09 4.07 -4.15
N GLY A 70 -4.09 5.23 -3.49
CA GLY A 70 -3.41 5.41 -2.23
C GLY A 70 -1.96 5.87 -2.40
N VAL A 71 -1.75 6.90 -3.23
CA VAL A 71 -0.40 7.28 -3.63
C VAL A 71 0.46 7.79 -2.48
N GLY A 72 -0.15 8.30 -1.41
CA GLY A 72 0.61 8.74 -0.25
C GLY A 72 1.54 9.91 -0.58
N THR A 73 2.79 9.79 -0.12
CA THR A 73 3.82 10.79 -0.39
C THR A 73 4.51 10.57 -1.74
N GLY A 74 4.00 9.64 -2.55
CA GLY A 74 4.63 9.33 -3.81
C GLY A 74 5.86 8.45 -3.74
N ARG A 75 6.03 7.70 -2.64
CA ARG A 75 7.19 6.84 -2.50
C ARG A 75 7.35 5.91 -3.70
N ILE A 76 6.26 5.37 -4.22
CA ILE A 76 6.31 4.51 -5.40
C ILE A 76 6.13 5.31 -6.69
N ALA A 77 5.13 6.20 -6.72
CA ALA A 77 4.74 6.83 -7.97
C ALA A 77 5.86 7.69 -8.55
N VAL A 78 6.62 8.38 -7.70
CA VAL A 78 7.70 9.25 -8.17
C VAL A 78 8.75 8.43 -8.92
N PRO A 79 9.42 7.43 -8.32
CA PRO A 79 10.40 6.67 -9.10
C PRO A 79 9.78 5.85 -10.22
N LEU A 80 8.56 5.34 -10.04
CA LEU A 80 7.94 4.58 -11.11
C LEU A 80 7.69 5.47 -12.33
N SER A 81 7.30 6.74 -12.11
CA SER A 81 7.06 7.65 -13.22
C SER A 81 8.32 7.93 -14.04
N GLU A 82 9.51 7.71 -13.46
CA GLU A 82 10.76 7.88 -14.20
C GLU A 82 10.98 6.78 -15.23
N SER A 83 10.22 5.69 -15.18
CA SER A 83 10.25 4.67 -16.21
C SER A 83 9.01 4.62 -17.07
N VAL A 84 7.82 4.82 -16.47
CA VAL A 84 6.58 4.63 -17.21
C VAL A 84 5.97 5.94 -17.69
N GLY A 85 6.56 7.08 -17.36
CA GLY A 85 5.95 8.35 -17.66
C GLY A 85 4.93 8.75 -16.58
N ARG A 86 4.05 9.68 -16.96
CA ARG A 86 3.13 10.27 -15.99
C ARG A 86 2.28 9.21 -15.30
N VAL A 87 2.22 9.28 -13.97
CA VAL A 87 1.40 8.42 -13.15
C VAL A 87 0.33 9.27 -12.50
N THR A 88 -0.91 8.78 -12.50
CA THR A 88 -1.98 9.45 -11.76
C THR A 88 -2.04 8.83 -10.36
N GLY A 89 -2.06 9.70 -9.34
CA GLY A 89 -1.96 9.24 -7.96
C GLY A 89 -3.11 9.72 -7.10
N VAL A 90 -3.96 8.80 -6.66
CA VAL A 90 -5.16 9.12 -5.88
C VAL A 90 -4.88 8.94 -4.39
N ASP A 91 -5.26 9.92 -3.58
CA ASP A 91 -5.19 9.73 -2.13
C ASP A 91 -6.29 10.55 -1.47
N SER A 92 -6.81 10.05 -0.35
CA SER A 92 -7.83 10.77 0.39
C SER A 92 -7.25 11.77 1.37
N SER A 93 -5.95 11.75 1.62
CA SER A 93 -5.34 12.57 2.66
C SER A 93 -4.75 13.83 2.06
N PRO A 94 -5.25 15.01 2.42
CA PRO A 94 -4.59 16.25 1.96
C PRO A 94 -3.14 16.34 2.43
N GLU A 95 -2.87 15.87 3.64
CA GLU A 95 -1.52 15.93 4.19
C GLU A 95 -0.55 15.06 3.39
N MET A 96 -0.97 13.85 3.00
CA MET A 96 -0.08 13.02 2.20
C MET A 96 0.15 13.64 0.83
N LEU A 97 -0.92 14.14 0.20
CA LEU A 97 -0.77 14.76 -1.12
C LEU A 97 0.11 16.01 -1.04
N ASP A 98 -0.04 16.79 0.03
CA ASP A 98 0.81 17.96 0.19
C ASP A 98 2.28 17.55 0.30
N ALA A 99 2.56 16.47 1.04
CA ALA A 99 3.93 15.98 1.12
C ALA A 99 4.45 15.53 -0.24
N MET A 100 3.60 14.91 -1.05
CA MET A 100 4.08 14.48 -2.35
C MET A 100 4.28 15.68 -3.28
N ARG A 101 3.42 16.70 -3.17
CA ARG A 101 3.61 17.91 -3.99
C ARG A 101 4.95 18.57 -3.71
N VAL A 102 5.36 18.59 -2.45
CA VAL A 102 6.69 19.11 -2.11
C VAL A 102 7.77 18.34 -2.86
N LYS A 103 7.69 17.00 -2.83
CA LYS A 103 8.69 16.18 -3.49
C LYS A 103 8.63 16.32 -5.01
N LEU A 104 7.45 16.62 -5.56
CA LEU A 104 7.29 16.73 -7.00
C LEU A 104 7.92 18.00 -7.56
N LYS A 105 8.19 19.00 -6.71
CA LYS A 105 8.93 20.16 -7.18
C LYS A 105 10.35 19.79 -7.59
N GLU A 106 10.83 18.62 -7.18
CA GLU A 106 12.21 18.20 -7.42
C GLU A 106 12.31 16.98 -8.33
N ARG A 107 11.30 16.13 -8.36
CA ARG A 107 11.43 14.83 -9.01
C ARG A 107 10.05 14.32 -9.38
N GLY A 108 10.00 13.57 -10.48
CA GLY A 108 8.84 12.77 -10.82
C GLY A 108 7.86 13.46 -11.75
N ASP A 109 6.88 12.67 -12.21
CA ASP A 109 5.82 13.15 -13.09
C ASP A 109 4.53 12.45 -12.63
N VAL A 110 3.80 13.10 -11.72
CA VAL A 110 2.63 12.53 -11.07
C VAL A 110 1.52 13.57 -11.04
N THR A 111 0.29 13.16 -11.41
CA THR A 111 -0.89 14.00 -11.27
C THR A 111 -1.54 13.69 -9.93
N PRO A 112 -1.55 14.60 -8.95
CA PRO A 112 -2.24 14.33 -7.69
C PRO A 112 -3.75 14.39 -7.89
N VAL A 113 -4.45 13.44 -7.26
CA VAL A 113 -5.90 13.39 -7.30
C VAL A 113 -6.38 13.19 -5.86
N HIS A 114 -7.13 14.15 -5.34
CA HIS A 114 -7.73 14.00 -4.02
C HIS A 114 -9.01 13.18 -4.20
N GLY A 115 -9.03 11.96 -3.67
CA GLY A 115 -10.20 11.11 -3.82
C GLY A 115 -10.14 9.93 -2.88
N ASP A 116 -11.28 9.26 -2.75
CA ASP A 116 -11.46 8.11 -1.87
C ASP A 116 -11.57 6.89 -2.77
N ILE A 117 -10.70 5.91 -2.58
CA ILE A 117 -10.70 4.76 -3.49
C ILE A 117 -11.96 3.91 -3.41
N ARG A 118 -12.80 4.12 -2.39
CA ARG A 118 -14.11 3.48 -2.34
C ARG A 118 -15.11 4.12 -3.29
N SER A 119 -14.86 5.37 -3.70
CA SER A 119 -15.82 6.16 -4.47
C SER A 119 -15.27 6.69 -5.78
N TYR A 120 -13.96 6.69 -5.99
CA TYR A 120 -13.38 7.39 -7.14
C TYR A 120 -13.77 6.68 -8.43
N THR A 121 -14.40 7.43 -9.33
CA THR A 121 -14.90 6.93 -10.60
C THR A 121 -14.50 7.92 -11.68
N SER A 122 -14.08 7.37 -12.83
CA SER A 122 -13.57 8.17 -13.94
C SER A 122 -14.01 7.53 -15.24
N ASP A 123 -14.01 8.33 -16.30
CA ASP A 123 -14.15 7.75 -17.63
C ASP A 123 -12.82 7.29 -18.22
N SER A 124 -11.71 7.48 -17.50
CA SER A 124 -10.40 7.07 -17.97
C SER A 124 -10.14 5.62 -17.58
N ARG A 125 -9.34 4.95 -18.41
CA ARG A 125 -8.90 3.58 -18.14
C ARG A 125 -7.39 3.49 -18.33
N TYR A 126 -6.78 2.54 -17.62
CA TYR A 126 -5.34 2.51 -17.43
C TYR A 126 -4.78 1.11 -17.66
N GLY A 127 -3.54 1.05 -18.15
CA GLY A 127 -2.90 -0.24 -18.35
C GLY A 127 -2.46 -0.89 -17.06
N LEU A 128 -2.07 -0.09 -16.06
CA LEU A 128 -1.71 -0.60 -14.74
C LEU A 128 -2.47 0.21 -13.69
N VAL A 129 -3.22 -0.50 -12.84
CA VAL A 129 -3.86 0.05 -11.65
C VAL A 129 -3.21 -0.65 -10.48
N TYR A 130 -2.62 0.11 -9.55
CA TYR A 130 -1.94 -0.56 -8.44
C TYR A 130 -2.27 0.11 -7.12
N CYS A 131 -2.26 -0.73 -6.08
CA CYS A 131 -2.68 -0.33 -4.74
C CYS A 131 -1.81 -1.15 -3.79
N VAL A 132 -0.79 -0.50 -3.22
CA VAL A 132 0.30 -1.24 -2.61
C VAL A 132 0.58 -0.71 -1.21
N CYS A 133 1.54 -1.35 -0.54
CA CYS A 133 1.92 -0.99 0.83
C CYS A 133 0.73 -1.01 1.78
N ALA A 134 -0.15 -2.00 1.61
CA ALA A 134 -1.25 -2.26 2.53
C ALA A 134 -2.33 -1.19 2.54
N THR A 135 -2.37 -0.33 1.52
CA THR A 135 -3.47 0.63 1.40
C THR A 135 -4.83 -0.05 1.55
N LEU A 136 -5.03 -1.19 0.87
CA LEU A 136 -6.35 -1.82 0.90
C LEU A 136 -6.73 -2.25 2.31
N SER A 137 -5.75 -2.60 3.15
CA SER A 137 -6.02 -2.99 4.53
C SER A 137 -6.39 -1.83 5.44
N LEU A 138 -6.22 -0.59 5.02
CA LEU A 138 -6.74 0.54 5.79
C LEU A 138 -8.24 0.70 5.65
N LEU A 139 -8.87 -0.04 4.73
CA LEU A 139 -10.32 -0.15 4.66
C LEU A 139 -10.75 -1.31 5.55
N HIS A 140 -11.57 -1.01 6.56
CA HIS A 140 -11.74 -1.84 7.75
C HIS A 140 -12.78 -2.93 7.61
N THR A 141 -13.61 -2.88 6.59
CA THR A 141 -14.67 -3.85 6.48
C THR A 141 -14.57 -4.56 5.14
N PRO A 142 -15.05 -5.80 5.05
CA PRO A 142 -15.10 -6.49 3.76
C PRO A 142 -15.88 -5.69 2.71
N GLU A 143 -16.96 -5.05 3.14
CA GLU A 143 -17.78 -4.27 2.23
C GLU A 143 -16.98 -3.12 1.62
N ASP A 144 -16.20 -2.42 2.42
CA ASP A 144 -15.40 -1.32 1.89
C ASP A 144 -14.28 -1.84 0.99
N GLN A 145 -13.65 -2.95 1.37
CA GLN A 145 -12.60 -3.48 0.51
C GLN A 145 -13.16 -3.96 -0.82
N GLN A 146 -14.32 -4.62 -0.78
CA GLN A 146 -14.96 -5.07 -2.01
C GLN A 146 -15.27 -3.89 -2.92
N LEU A 147 -15.73 -2.78 -2.33
CA LEU A 147 -16.09 -1.62 -3.11
C LEU A 147 -14.85 -1.02 -3.79
N ALA A 148 -13.74 -0.93 -3.04
CA ALA A 148 -12.50 -0.41 -3.60
C ALA A 148 -12.01 -1.29 -4.75
N VAL A 149 -12.13 -2.61 -4.62
CA VAL A 149 -11.74 -3.49 -5.71
C VAL A 149 -12.64 -3.30 -6.93
N ARG A 150 -13.94 -3.08 -6.70
CA ARG A 150 -14.82 -2.77 -7.84
C ARG A 150 -14.40 -1.48 -8.52
N ARG A 151 -14.07 -0.45 -7.74
CA ARG A 151 -13.64 0.80 -8.34
C ARG A 151 -12.32 0.62 -9.09
N ALA A 152 -11.42 -0.18 -8.53
CA ALA A 152 -10.15 -0.43 -9.18
C ALA A 152 -10.34 -1.17 -10.49
N ALA A 153 -11.21 -2.20 -10.49
CA ALA A 153 -11.49 -2.94 -11.72
C ALA A 153 -12.05 -2.02 -12.79
N ASP A 154 -12.89 -1.08 -12.41
CA ASP A 154 -13.52 -0.18 -13.39
C ASP A 154 -12.51 0.76 -14.02
N LEU A 155 -11.34 0.95 -13.39
CA LEU A 155 -10.30 1.79 -13.94
C LEU A 155 -9.38 1.03 -14.92
N LEU A 156 -9.56 -0.28 -15.07
CA LEU A 156 -8.69 -1.06 -15.95
C LEU A 156 -9.08 -0.92 -17.41
N ALA A 157 -8.10 -0.63 -18.25
CA ALA A 157 -8.26 -0.79 -19.68
C ALA A 157 -8.38 -2.27 -20.04
N PRO A 158 -8.94 -2.59 -21.20
CA PRO A 158 -8.88 -3.98 -21.66
C PRO A 158 -7.43 -4.40 -21.79
N GLY A 159 -7.10 -5.56 -21.23
CA GLY A 159 -5.71 -5.97 -21.18
C GLY A 159 -4.90 -5.34 -20.07
N GLY A 160 -5.49 -4.47 -19.26
CA GLY A 160 -4.78 -3.91 -18.13
C GLY A 160 -4.67 -4.89 -16.97
N ARG A 161 -3.75 -4.59 -16.06
CA ARG A 161 -3.50 -5.41 -14.90
C ARG A 161 -3.73 -4.60 -13.63
N LEU A 162 -4.40 -5.22 -12.65
CA LEU A 162 -4.56 -4.66 -11.31
C LEU A 162 -3.61 -5.39 -10.37
N VAL A 163 -2.80 -4.63 -9.62
CA VAL A 163 -1.81 -5.18 -8.69
C VAL A 163 -2.12 -4.66 -7.30
N ILE A 164 -2.33 -5.57 -6.35
CA ILE A 164 -2.62 -5.22 -4.96
C ILE A 164 -1.56 -5.86 -4.07
N GLU A 165 -0.92 -5.05 -3.22
CA GLU A 165 0.04 -5.55 -2.24
C GLU A 165 -0.43 -5.16 -0.85
N THR A 166 -0.48 -6.12 0.07
CA THR A 166 -0.85 -5.79 1.45
C THR A 166 -0.15 -6.73 2.41
N HIS A 167 -0.38 -6.50 3.71
CA HIS A 167 0.29 -7.28 4.74
C HIS A 167 -0.26 -8.69 4.81
N ASN A 168 0.66 -9.65 4.91
CA ASN A 168 0.30 -11.06 5.03
C ASN A 168 -0.22 -11.34 6.45
N LYS A 169 -1.33 -12.03 6.52
CA LYS A 169 -2.04 -12.27 7.79
C LYS A 169 -1.40 -13.35 8.67
N PRO A 170 -1.05 -14.52 8.15
CA PRO A 170 -0.55 -15.58 9.04
C PRO A 170 0.64 -15.15 9.90
N PRO A 171 1.63 -14.40 9.37
CA PRO A 171 2.76 -14.01 10.25
C PRO A 171 2.37 -13.09 11.39
N ILE A 172 1.31 -12.30 11.23
CA ILE A 172 0.87 -11.44 12.34
C ILE A 172 0.24 -12.29 13.44
N LEU A 173 -0.58 -13.26 13.07
CA LEU A 173 -1.14 -14.15 14.09
C LEU A 173 -0.03 -14.95 14.77
N GLU A 174 1.00 -15.35 14.00
CA GLU A 174 2.11 -16.08 14.60
C GLU A 174 2.88 -15.20 15.56
N LEU A 175 3.12 -13.94 15.19
CA LEU A 175 3.77 -12.97 16.06
C LEU A 175 3.05 -12.85 17.40
N HIS A 176 1.72 -12.82 17.35
CA HIS A 176 0.96 -12.67 18.59
C HIS A 176 1.00 -13.92 19.46
N GLU A 177 1.13 -15.11 18.86
CA GLU A 177 1.31 -16.34 19.64
C GLU A 177 0.22 -16.51 20.71
N GLY A 178 -1.03 -16.27 20.34
CA GLY A 178 -2.15 -16.47 21.24
C GLY A 178 -2.50 -15.30 22.15
N ARG A 179 -1.72 -14.22 22.13
CA ARG A 179 -2.00 -13.07 22.99
C ARG A 179 -2.63 -11.93 22.18
N LYS A 180 -3.57 -11.23 22.81
CA LYS A 180 -4.24 -10.11 22.17
C LYS A 180 -3.28 -8.99 21.82
N ARG A 181 -2.32 -8.70 22.71
CA ARG A 181 -1.40 -7.60 22.54
C ARG A 181 0.02 -8.13 22.48
N THR A 182 0.87 -7.51 21.65
CA THR A 182 2.28 -7.82 21.68
C THR A 182 3.05 -6.57 21.24
N THR A 183 4.31 -6.50 21.62
CA THR A 183 5.13 -5.33 21.32
C THR A 183 6.42 -5.79 20.68
N TYR A 184 6.90 -5.03 19.69
CA TYR A 184 8.20 -5.31 19.09
C TYR A 184 8.90 -4.01 18.73
N PHE A 185 10.21 -4.12 18.49
CA PHE A 185 11.04 -2.97 18.19
C PHE A 185 11.93 -3.30 17.02
N VAL A 186 11.96 -2.42 16.03
CA VAL A 186 12.78 -2.61 14.84
C VAL A 186 13.87 -1.54 14.86
N PRO A 187 15.13 -1.89 15.11
CA PRO A 187 16.21 -0.91 14.98
C PRO A 187 16.36 -0.48 13.52
N TYR A 188 16.56 0.80 13.32
CA TYR A 188 16.78 1.35 11.99
C TYR A 188 18.27 1.59 11.76
N PRO A 189 18.71 1.79 10.52
CA PRO A 189 20.16 1.83 10.26
C PRO A 189 20.94 2.90 11.02
N GLU A 190 20.40 4.11 11.11
CA GLU A 190 21.12 5.19 11.79
C GLU A 190 21.13 4.93 13.29
N PRO A 191 22.31 4.96 13.94
CA PRO A 191 22.35 4.78 15.39
C PRO A 191 21.40 5.74 16.08
N GLY A 192 20.74 5.24 17.12
CA GLY A 192 19.79 6.04 17.87
C GLY A 192 18.40 6.09 17.28
N THR A 193 18.10 5.30 16.26
CA THR A 193 16.80 5.36 15.60
C THR A 193 16.17 3.97 15.53
N GLY A 194 14.84 3.94 15.54
CA GLY A 194 14.11 2.70 15.39
C GLY A 194 12.64 2.96 15.69
N VAL A 195 11.83 1.93 15.46
CA VAL A 195 10.39 2.05 15.62
C VAL A 195 9.88 0.97 16.57
N GLN A 196 9.16 1.39 17.59
CA GLN A 196 8.47 0.47 18.48
C GLN A 196 7.02 0.36 18.04
N THR A 197 6.50 -0.87 17.99
CA THR A 197 5.12 -1.09 17.61
C THR A 197 4.38 -1.80 18.73
N HIS A 198 3.23 -1.26 19.09
CA HIS A 198 2.28 -1.89 20.01
C HIS A 198 1.16 -2.43 19.15
N SER A 199 1.06 -3.74 19.08
CA SER A 199 0.14 -4.45 18.19
C SER A 199 -1.01 -5.04 18.98
N THR A 200 -2.24 -4.87 18.49
CA THR A 200 -3.43 -5.42 19.12
C THR A 200 -4.31 -6.10 18.08
N LEU A 201 -4.67 -7.35 18.33
CA LEU A 201 -5.66 -8.03 17.49
C LEU A 201 -7.05 -7.83 18.07
N LEU A 202 -8.00 -7.47 17.21
CA LEU A 202 -9.38 -7.18 17.60
C LEU A 202 -10.35 -8.03 16.79
N ASP A 203 -11.58 -8.09 17.30
CA ASP A 203 -12.63 -8.84 16.62
C ASP A 203 -12.84 -8.30 15.20
N GLY A 204 -13.32 -9.17 14.32
CA GLY A 204 -13.52 -8.77 12.95
C GLY A 204 -12.26 -8.75 12.12
N ASP A 205 -11.25 -9.51 12.53
CA ASP A 205 -9.96 -9.59 11.85
C ASP A 205 -9.27 -8.24 11.75
N LEU A 206 -9.48 -7.40 12.75
CA LEU A 206 -8.83 -6.09 12.79
C LEU A 206 -7.50 -6.17 13.52
N TRP A 207 -6.60 -5.27 13.14
CA TRP A 207 -5.23 -5.23 13.64
C TRP A 207 -4.92 -3.78 13.89
N HIS A 208 -4.79 -3.39 15.16
CA HIS A 208 -4.47 -2.02 15.52
C HIS A 208 -2.99 -1.92 15.88
N CYS A 209 -2.30 -0.91 15.37
CA CYS A 209 -0.91 -0.66 15.72
C CYS A 209 -0.73 0.79 16.15
N SER A 210 0.03 0.99 17.22
CA SER A 210 0.60 2.29 17.53
C SER A 210 2.09 2.18 17.30
N HIS A 211 2.63 3.04 16.44
CA HIS A 211 4.04 3.05 16.12
C HIS A 211 4.70 4.27 16.74
N ILE A 212 5.86 4.05 17.36
CA ILE A 212 6.64 5.13 17.96
C ILE A 212 7.99 5.15 17.28
N LEU A 213 8.28 6.22 16.54
CA LEU A 213 9.59 6.42 15.95
C LEU A 213 10.49 7.15 16.94
N TYR A 214 11.66 6.57 17.22
CA TYR A 214 12.67 7.21 18.04
C TYR A 214 13.72 7.81 17.11
N GLN A 215 13.97 9.10 17.26
CA GLN A 215 14.89 9.81 16.38
C GLN A 215 16.23 10.07 17.09
N ALA A 216 17.28 10.25 16.28
CA ALA A 216 18.61 10.38 16.85
C ALA A 216 18.76 11.63 17.71
N ASN A 217 17.96 12.67 17.45
CA ASN A 217 17.99 13.87 18.26
C ASN A 217 17.27 13.73 19.60
N GLY A 218 16.79 12.52 19.93
CA GLY A 218 16.16 12.29 21.20
C GLY A 218 14.67 12.51 21.25
N THR A 219 14.04 12.84 20.12
CA THR A 219 12.61 13.02 20.08
C THR A 219 11.90 11.73 19.64
N THR A 220 10.63 11.67 19.96
CA THR A 220 9.74 10.57 19.57
C THR A 220 8.56 11.10 18.77
N ARG A 221 8.05 10.26 17.87
CA ARG A 221 6.84 10.54 17.10
C ARG A 221 5.91 9.34 17.22
N VAL A 222 4.65 9.59 17.55
CA VAL A 222 3.63 8.57 17.77
C VAL A 222 2.56 8.68 16.71
N GLY A 223 2.19 7.57 16.09
CA GLY A 223 1.02 7.52 15.23
C GLY A 223 0.39 6.15 15.26
N SER A 224 -0.92 6.10 15.04
CA SER A 224 -1.66 4.85 15.11
C SER A 224 -2.45 4.60 13.84
N GLU A 225 -2.71 3.32 13.59
CA GLU A 225 -3.50 2.93 12.44
C GLU A 225 -4.28 1.67 12.76
N LEU A 226 -5.45 1.57 12.15
CA LEU A 226 -6.32 0.41 12.26
C LEU A 226 -6.43 -0.21 10.88
N THR A 227 -6.12 -1.50 10.78
CA THR A 227 -6.22 -2.21 9.51
C THR A 227 -7.04 -3.46 9.66
N ARG A 228 -7.49 -3.99 8.53
CA ARG A 228 -8.13 -5.30 8.47
C ARG A 228 -7.11 -6.28 7.91
N LEU A 229 -6.87 -7.36 8.65
CA LEU A 229 -6.04 -8.45 8.15
C LEU A 229 -6.74 -9.11 6.97
N THR A 230 -6.07 -9.14 5.82
CA THR A 230 -6.67 -9.50 4.54
C THR A 230 -5.82 -10.57 3.87
N THR A 231 -6.48 -11.52 3.22
CA THR A 231 -5.82 -12.69 2.65
C THR A 231 -5.98 -12.74 1.14
N PRO A 232 -5.12 -13.50 0.45
CA PRO A 232 -5.32 -13.69 -1.00
C PRO A 232 -6.66 -14.33 -1.32
N GLU A 233 -7.15 -15.24 -0.46
CA GLU A 233 -8.48 -15.81 -0.68
C GLU A 233 -9.52 -14.70 -0.73
N GLU A 234 -9.47 -13.78 0.22
CA GLU A 234 -10.47 -12.72 0.29
C GLU A 234 -10.37 -11.78 -0.90
N ILE A 235 -9.15 -11.42 -1.30
CA ILE A 235 -9.00 -10.48 -2.41
C ILE A 235 -9.44 -11.13 -3.72
N ASP A 236 -9.15 -12.43 -3.90
CA ASP A 236 -9.66 -13.15 -5.06
C ASP A 236 -11.17 -13.06 -5.13
N ALA A 237 -11.86 -13.21 -3.99
CA ALA A 237 -13.32 -13.13 -4.01
C ALA A 237 -13.79 -11.73 -4.36
N TYR A 238 -13.13 -10.70 -3.83
CA TYR A 238 -13.49 -9.33 -4.22
C TYR A 238 -13.31 -9.15 -5.71
N ALA A 239 -12.20 -9.66 -6.26
CA ALA A 239 -11.91 -9.45 -7.67
C ALA A 239 -12.87 -10.21 -8.56
N ARG A 240 -13.24 -11.43 -8.17
CA ARG A 240 -14.22 -12.17 -8.96
C ARG A 240 -15.57 -11.47 -8.97
N ALA A 241 -15.97 -10.88 -7.84
CA ALA A 241 -17.21 -10.13 -7.81
C ALA A 241 -17.16 -8.92 -8.73
N ALA A 242 -15.97 -8.37 -8.95
CA ALA A 242 -15.74 -7.23 -9.82
C ALA A 242 -15.49 -7.64 -11.27
N GLY A 243 -15.60 -8.94 -11.58
CA GLY A 243 -15.45 -9.41 -12.94
C GLY A 243 -14.05 -9.71 -13.39
N LEU A 244 -13.12 -9.94 -12.46
CA LEU A 244 -11.72 -10.19 -12.79
C LEU A 244 -11.34 -11.63 -12.47
N GLU A 245 -10.24 -12.06 -13.07
CA GLU A 245 -9.68 -13.39 -12.83
C GLU A 245 -8.29 -13.28 -12.20
N PRO A 246 -7.98 -14.15 -11.23
CA PRO A 246 -6.66 -14.07 -10.58
C PRO A 246 -5.53 -14.62 -11.44
N GLU A 247 -4.36 -13.99 -11.30
CA GLU A 247 -3.07 -14.53 -11.71
C GLU A 247 -2.36 -15.09 -10.46
N THR A 248 -1.17 -15.67 -10.68
CA THR A 248 -0.44 -16.32 -9.58
C THR A 248 -0.11 -15.33 -8.46
N HIS A 249 -0.45 -15.71 -7.23
CA HIS A 249 -0.19 -14.89 -6.05
C HIS A 249 1.29 -14.95 -5.71
N LEU A 250 1.84 -13.84 -5.22
CA LEU A 250 3.27 -13.72 -4.95
C LEU A 250 3.53 -13.36 -3.49
N SER A 251 4.66 -13.84 -2.96
CA SER A 251 5.18 -13.33 -1.69
C SER A 251 6.26 -12.29 -1.84
N ARG A 252 6.84 -12.14 -3.03
CA ARG A 252 7.88 -11.15 -3.26
C ARG A 252 7.74 -10.58 -4.67
N TRP A 253 8.22 -9.35 -4.84
CA TRP A 253 8.12 -8.69 -6.13
C TRP A 253 8.92 -9.40 -7.22
N ASP A 254 9.88 -10.25 -6.83
CA ASP A 254 10.69 -10.98 -7.81
C ASP A 254 9.98 -12.20 -8.36
N GLY A 255 8.72 -12.44 -7.99
CA GLY A 255 7.97 -13.56 -8.50
C GLY A 255 7.91 -14.77 -7.58
N THR A 256 8.56 -14.72 -6.42
CA THR A 256 8.47 -15.82 -5.47
C THR A 256 7.01 -16.14 -5.18
N PRO A 257 6.58 -17.39 -5.31
CA PRO A 257 5.17 -17.73 -5.06
C PRO A 257 4.75 -17.46 -3.63
N TYR A 258 3.44 -17.29 -3.46
CA TYR A 258 2.90 -16.97 -2.15
C TYR A 258 3.24 -18.04 -1.11
N ASN A 259 3.65 -17.57 0.07
CA ASN A 259 3.80 -18.41 1.26
C ASN A 259 3.25 -17.67 2.47
N GLU A 260 3.08 -18.39 3.58
CA GLU A 260 2.50 -17.81 4.78
C GLU A 260 3.53 -17.18 5.71
N GLN A 261 4.78 -17.05 5.29
CA GLN A 261 5.80 -16.46 6.14
C GLN A 261 6.21 -15.05 5.74
N SER A 262 6.00 -14.66 4.50
CA SER A 262 6.49 -13.37 4.03
C SER A 262 5.68 -12.23 4.65
N PRO A 263 6.29 -11.06 4.84
CA PRO A 263 5.55 -9.95 5.47
C PRO A 263 4.46 -9.36 4.59
N MET A 264 4.65 -9.34 3.28
CA MET A 264 3.66 -8.85 2.34
C MET A 264 3.27 -9.95 1.36
N PHE A 265 2.21 -9.69 0.60
CA PHE A 265 1.90 -10.53 -0.55
C PHE A 265 1.32 -9.65 -1.64
N VAL A 266 1.37 -10.14 -2.87
CA VAL A 266 0.94 -9.42 -4.05
C VAL A 266 -0.08 -10.28 -4.80
N CYS A 267 -1.22 -9.69 -5.14
CA CYS A 267 -2.23 -10.33 -5.97
C CYS A 267 -2.40 -9.51 -7.24
N CYS A 268 -2.45 -10.20 -8.37
CA CYS A 268 -2.59 -9.57 -9.67
C CYS A 268 -3.82 -10.12 -10.36
N TYR A 269 -4.53 -9.24 -11.08
CA TYR A 269 -5.78 -9.58 -11.74
C TYR A 269 -5.81 -8.94 -13.10
N VAL A 270 -6.48 -9.63 -14.03
CA VAL A 270 -6.68 -9.12 -15.38
C VAL A 270 -8.16 -9.23 -15.73
#